data_4RLE
#
_entry.id   4RLE
#
_cell.length_a   56.521
_cell.length_b   56.521
_cell.length_c   58.201
_cell.angle_alpha   90.000
_cell.angle_beta   90.000
_cell.angle_gamma   120.000
#
_symmetry.space_group_name_H-M   'P 63'
#
loop_
_entity.id
_entity.type
_entity.pdbx_description
1 polymer 'Uncharacterized protein YaaQ'
2 non-polymer "(2R,3R,3aS,5R,7aR,9R,10R,10aS,12R,14aR)-2,9-bis(6-amino-9H-purin-9-yl)octahydro-2H,7H-difuro[3,2-d:3',2'-j][1,3,7,9,2,8 ]tetraoxadiphosphacyclododecine-3,5,10,12-tetrol 5,12-dioxide"
3 non-polymer 'NICKEL (II) ION'
4 water water
#
_entity_poly.entity_id   1
_entity_poly.type   'polypeptide(L)'
_entity_poly.pdbx_seq_one_letter_code
;HHHHHHGSMKLIVAVVQDQDSNRLLKTLTDHNFRVTKLATTGGFLKSGNTTFMIGVEDIRVNKALSLIKENGQKRDQMIA
PVSPMGGNADSYVPYPVEVEVGGATVFVLPVDEFHQF
;
_entity_poly.pdbx_strand_id   A
#
loop_
_chem_comp.id
_chem_comp.type
_chem_comp.name
_chem_comp.formula
2BA non-polymer '(2R,3R,3aS,5R,7aR,9R,10R,10aS,12R,14aR)-2,9-bis(6-amino-9H-purin-9-yl)octahydro-2H,7H-difuro[3,2-d:3',2'-j][1,3,7,9,2,8 ]tetraoxadiphosphacyclododecine-3,5,10,12-tetrol 5,12-dioxide' 'C20 H24 N10 O12 P2'
NI non-polymer 'NICKEL (II) ION' 'Ni 2'
#
# COMPACT_ATOMS: atom_id res chain seq x y z
N HIS A 2 -25.32 24.36 7.24
CA HIS A 2 -25.01 23.70 8.49
C HIS A 2 -23.52 23.36 8.60
N HIS A 3 -23.15 22.69 9.68
CA HIS A 3 -21.77 22.64 10.15
C HIS A 3 -21.39 21.21 10.55
N HIS A 4 -20.25 20.69 10.09
CA HIS A 4 -19.75 19.42 10.62
C HIS A 4 -18.25 19.44 10.81
N HIS A 5 -17.76 18.46 11.55
CA HIS A 5 -16.33 18.27 11.68
C HIS A 5 -16.03 16.77 11.63
N HIS A 6 -14.76 16.42 11.72
CA HIS A 6 -14.33 15.04 11.79
C HIS A 6 -13.47 14.90 13.03
N GLY A 7 -13.09 13.68 13.37
CA GLY A 7 -12.35 13.41 14.58
C GLY A 7 -10.87 13.67 14.40
N SER A 8 -10.10 13.43 15.45
N SER A 8 -10.11 13.44 15.45
CA SER A 8 -8.66 13.67 15.42
CA SER A 8 -8.66 13.71 15.46
C SER A 8 -7.88 12.54 14.73
C SER A 8 -7.85 12.50 14.99
N MET A 9 -8.47 11.37 14.58
N MET A 9 -8.52 11.54 14.36
CA MET A 9 -7.78 10.27 13.89
CA MET A 9 -7.87 10.35 13.84
C MET A 9 -7.88 10.39 12.37
C MET A 9 -7.94 10.33 12.32
N LYS A 10 -6.88 9.85 11.67
CA LYS A 10 -6.92 9.64 10.22
C LYS A 10 -6.72 8.16 9.96
N LEU A 11 -7.25 7.69 8.85
CA LEU A 11 -7.01 6.31 8.43
C LEU A 11 -6.16 6.35 7.16
N ILE A 12 -4.92 5.92 7.28
CA ILE A 12 -4.02 5.84 6.13
C ILE A 12 -4.17 4.49 5.46
N VAL A 13 -4.40 4.50 4.15
CA VAL A 13 -4.46 3.30 3.32
C VAL A 13 -3.33 3.39 2.32
N ALA A 14 -2.33 2.51 2.44
CA ALA A 14 -1.13 2.56 1.62
C ALA A 14 -0.94 1.27 0.86
N VAL A 15 -0.89 1.35 -0.47
CA VAL A 15 -0.66 0.19 -1.30
C VAL A 15 0.81 0.14 -1.67
N VAL A 16 1.47 -0.93 -1.27
CA VAL A 16 2.91 -1.06 -1.47
C VAL A 16 3.23 -2.39 -2.16
N GLN A 17 4.48 -2.54 -2.58
CA GLN A 17 4.92 -3.77 -3.23
C GLN A 17 5.26 -4.81 -2.18
N ASP A 18 5.00 -6.09 -2.47
CA ASP A 18 5.32 -7.15 -1.52
C ASP A 18 6.79 -7.11 -1.12
N GLN A 19 7.65 -6.79 -2.09
CA GLN A 19 9.09 -6.77 -1.87
C GLN A 19 9.51 -5.73 -0.82
N ASP A 20 8.66 -4.74 -0.59
CA ASP A 20 8.94 -3.67 0.38
C ASP A 20 8.12 -3.77 1.65
N SER A 21 7.25 -4.78 1.74
N SER A 21 7.24 -4.77 1.76
CA SER A 21 6.24 -4.86 2.78
CA SER A 21 6.24 -4.77 2.82
C SER A 21 6.83 -5.10 4.16
C SER A 21 6.78 -5.14 4.21
N ASN A 22 7.64 -6.15 4.29
CA ASN A 22 8.19 -6.52 5.60
C ASN A 22 9.04 -5.39 6.17
N ARG A 23 9.79 -4.75 5.28
CA ARG A 23 10.64 -3.61 5.63
C ARG A 23 9.79 -2.47 6.21
N LEU A 24 8.70 -2.15 5.53
CA LEU A 24 7.83 -1.07 5.98
C LEU A 24 7.17 -1.42 7.29
N LEU A 25 6.68 -2.65 7.40
CA LEU A 25 5.95 -3.06 8.58
C LEU A 25 6.83 -2.94 9.82
N LYS A 26 8.07 -3.43 9.72
CA LYS A 26 9.00 -3.36 10.83
C LYS A 26 9.27 -1.91 11.23
N THR A 27 9.50 -1.05 10.25
CA THR A 27 9.75 0.36 10.54
C THR A 27 8.56 0.99 11.24
N LEU A 28 7.36 0.72 10.72
CA LEU A 28 6.16 1.31 11.32
C LEU A 28 5.94 0.86 12.75
N THR A 29 5.97 -0.44 13.00
CA THR A 29 5.66 -0.90 14.35
C THR A 29 6.80 -0.53 15.31
N ASP A 30 8.04 -0.48 14.82
CA ASP A 30 9.17 -0.02 15.63
C ASP A 30 8.96 1.41 16.07
N HIS A 31 8.25 2.20 15.26
CA HIS A 31 7.94 3.59 15.58
C HIS A 31 6.58 3.73 16.26
N ASN A 32 6.09 2.61 16.80
CA ASN A 32 4.86 2.57 17.61
C ASN A 32 3.58 2.81 16.81
N PHE A 33 3.65 2.74 15.49
CA PHE A 33 2.43 2.81 14.71
C PHE A 33 1.70 1.48 14.73
N ARG A 34 0.38 1.55 14.66
N ARG A 34 0.37 1.56 14.67
CA ARG A 34 -0.48 0.37 14.70
CA ARG A 34 -0.49 0.39 14.69
C ARG A 34 -0.94 0.09 13.27
C ARG A 34 -0.94 0.09 13.26
N VAL A 35 -0.84 -1.16 12.86
CA VAL A 35 -1.03 -1.53 11.46
C VAL A 35 -1.89 -2.77 11.30
N THR A 36 -2.78 -2.73 10.32
CA THR A 36 -3.46 -3.92 9.84
C THR A 36 -3.07 -4.10 8.38
N LYS A 37 -2.72 -5.33 8.02
N LYS A 37 -2.64 -5.30 8.02
CA LYS A 37 -2.26 -5.66 6.67
CA LYS A 37 -2.29 -5.59 6.63
C LYS A 37 -3.32 -6.43 5.89
C LYS A 37 -3.40 -6.34 5.92
N LEU A 38 -3.55 -6.01 4.64
CA LEU A 38 -4.50 -6.68 3.75
C LEU A 38 -3.73 -7.23 2.56
N ALA A 39 -3.90 -8.51 2.28
CA ALA A 39 -3.35 -9.09 1.08
C ALA A 39 -4.24 -8.71 -0.11
N THR A 40 -3.71 -7.92 -1.02
CA THR A 40 -4.47 -7.41 -2.15
C THR A 40 -3.84 -7.82 -3.48
N THR A 41 -4.49 -7.43 -4.57
N THR A 41 -4.48 -7.49 -4.58
CA THR A 41 -4.05 -7.70 -5.93
CA THR A 41 -3.82 -7.66 -5.86
C THR A 41 -4.05 -6.39 -6.71
C THR A 41 -3.99 -6.38 -6.65
N GLY A 42 -2.99 -6.10 -7.47
CA GLY A 42 -3.00 -4.94 -8.33
C GLY A 42 -3.94 -5.18 -9.49
N GLY A 43 -4.77 -4.20 -9.82
CA GLY A 43 -5.73 -4.38 -10.89
C GLY A 43 -5.14 -4.50 -12.28
N PHE A 44 -3.99 -3.85 -12.49
CA PHE A 44 -3.37 -3.83 -13.81
C PHE A 44 -2.44 -5.01 -14.03
N LEU A 45 -1.62 -5.31 -13.03
CA LEU A 45 -0.67 -6.41 -13.17
C LEU A 45 -1.29 -7.75 -12.79
N LYS A 46 -2.43 -7.71 -12.10
N LYS A 46 -2.39 -7.68 -12.04
CA LYS A 46 -3.13 -8.92 -11.67
CA LYS A 46 -3.13 -8.86 -11.57
C LYS A 46 -2.19 -9.81 -10.88
C LYS A 46 -2.31 -9.71 -10.60
N SER A 47 -1.42 -9.17 -10.00
N SER A 47 -1.20 -9.15 -10.11
CA SER A 47 -0.45 -9.85 -9.15
CA SER A 47 -0.33 -9.85 -9.18
C SER A 47 -0.58 -9.35 -7.72
C SER A 47 -0.51 -9.33 -7.75
N GLY A 48 -0.06 -10.13 -6.78
CA GLY A 48 -0.20 -9.78 -5.38
C GLY A 48 0.56 -8.52 -5.00
N ASN A 49 -0.08 -7.69 -4.17
CA ASN A 49 0.64 -6.62 -3.48
C ASN A 49 0.06 -6.50 -2.07
N THR A 50 0.47 -5.49 -1.33
CA THR A 50 0.07 -5.42 0.07
C THR A 50 -0.50 -4.04 0.37
N THR A 51 -1.63 -4.03 1.05
CA THR A 51 -2.24 -2.79 1.46
C THR A 51 -2.16 -2.68 2.99
N PHE A 52 -1.58 -1.60 3.47
N PHE A 52 -1.60 -1.57 3.44
CA PHE A 52 -1.53 -1.35 4.91
CA PHE A 52 -1.48 -1.24 4.86
C PHE A 52 -2.57 -0.33 5.31
C PHE A 52 -2.63 -0.33 5.27
N MET A 53 -3.30 -0.65 6.36
N MET A 53 -3.33 -0.69 6.35
CA MET A 53 -4.29 0.24 6.94
CA MET A 53 -4.29 0.19 6.98
C MET A 53 -3.76 0.70 8.30
C MET A 53 -3.69 0.69 8.29
N ILE A 54 -3.49 2.00 8.41
CA ILE A 54 -2.80 2.56 9.56
C ILE A 54 -3.63 3.69 10.15
N GLY A 55 -4.27 3.44 11.29
CA GLY A 55 -5.06 4.47 11.96
C GLY A 55 -4.11 5.27 12.83
N VAL A 56 -4.04 6.57 12.59
N VAL A 56 -4.01 6.57 12.55
CA VAL A 56 -3.03 7.38 13.26
CA VAL A 56 -3.01 7.44 13.17
C VAL A 56 -3.62 8.73 13.64
C VAL A 56 -3.66 8.73 13.69
N GLU A 57 -3.27 9.19 14.84
N GLU A 57 -3.23 9.18 14.86
CA GLU A 57 -3.69 10.50 15.30
CA GLU A 57 -3.61 10.52 15.33
C GLU A 57 -3.16 11.56 14.33
C GLU A 57 -3.16 11.55 14.30
N ASP A 58 -3.97 12.59 14.10
CA ASP A 58 -3.60 13.60 13.11
C ASP A 58 -2.19 14.15 13.36
N ILE A 59 -1.79 14.31 14.62
CA ILE A 59 -0.47 14.83 14.94
C ILE A 59 0.69 13.89 14.62
N ARG A 60 0.40 12.65 14.26
CA ARG A 60 1.48 11.73 13.88
C ARG A 60 1.40 11.32 12.40
N VAL A 61 0.45 11.86 11.65
CA VAL A 61 0.27 11.49 10.25
C VAL A 61 1.54 11.77 9.42
N ASN A 62 2.14 12.93 9.61
CA ASN A 62 3.28 13.28 8.79
C ASN A 62 4.47 12.34 9.01
N LYS A 63 4.66 11.90 10.24
CA LYS A 63 5.74 10.96 10.53
C LYS A 63 5.47 9.61 9.86
N ALA A 64 4.22 9.14 9.95
CA ALA A 64 3.86 7.90 9.28
C ALA A 64 4.12 8.01 7.76
N LEU A 65 3.70 9.12 7.17
CA LEU A 65 3.88 9.32 5.74
C LEU A 65 5.36 9.36 5.36
N SER A 66 6.19 9.97 6.20
N SER A 66 6.17 10.00 6.19
CA SER A 66 7.61 10.08 5.88
CA SER A 66 7.60 10.08 5.94
C SER A 66 8.29 8.71 5.94
C SER A 66 8.22 8.68 5.89
N LEU A 67 7.83 7.83 6.83
CA LEU A 67 8.36 6.47 6.90
C LEU A 67 7.94 5.68 5.67
N ILE A 68 6.69 5.86 5.24
CA ILE A 68 6.21 5.16 4.06
C ILE A 68 6.99 5.64 2.83
N LYS A 69 7.17 6.95 2.72
CA LYS A 69 7.85 7.53 1.56
C LYS A 69 9.28 7.03 1.43
N GLU A 70 9.99 6.97 2.54
CA GLU A 70 11.40 6.60 2.50
C GLU A 70 11.62 5.11 2.34
N ASN A 71 10.57 4.32 2.45
CA ASN A 71 10.69 2.88 2.50
C ASN A 71 10.80 2.21 1.14
N GLY A 72 9.99 2.67 0.20
CA GLY A 72 9.78 1.94 -1.03
C GLY A 72 10.75 2.24 -2.14
N GLN A 73 10.61 1.48 -3.21
CA GLN A 73 11.47 1.56 -4.36
C GLN A 73 10.65 1.34 -5.60
N LYS A 74 10.93 2.11 -6.65
CA LYS A 74 10.31 1.83 -7.95
C LYS A 74 10.85 0.52 -8.52
N ARG A 75 9.97 -0.30 -9.07
CA ARG A 75 10.37 -1.51 -9.77
C ARG A 75 9.61 -1.68 -11.07
N ASP A 76 10.27 -2.25 -12.08
CA ASP A 76 9.60 -2.58 -13.32
C ASP A 76 8.93 -3.94 -13.23
N GLN A 77 7.72 -4.04 -13.78
CA GLN A 77 7.01 -5.30 -13.89
C GLN A 77 6.36 -5.37 -15.28
N MET A 78 5.84 -6.53 -15.63
N MET A 78 5.84 -6.53 -15.63
CA MET A 78 5.22 -6.71 -16.94
CA MET A 78 5.21 -6.71 -16.94
C MET A 78 3.79 -7.24 -16.81
C MET A 78 3.80 -7.24 -16.82
N ILE A 79 2.96 -6.92 -17.80
CA ILE A 79 1.63 -7.50 -17.89
C ILE A 79 1.72 -8.92 -18.44
N ALA A 80 1.10 -9.88 -17.74
CA ALA A 80 1.10 -11.25 -18.20
C ALA A 80 0.27 -11.38 -19.48
N PRO A 81 0.89 -11.96 -20.53
CA PRO A 81 0.21 -12.18 -21.80
C PRO A 81 -0.97 -13.16 -21.67
N VAL A 82 -1.85 -13.21 -22.72
CA VAL A 82 -3.00 -14.13 -22.72
C VAL A 82 -2.47 -15.53 -22.68
N SER A 83 -2.88 -16.14 -21.59
CA SER A 83 -2.38 -17.42 -21.13
C SER A 83 -2.97 -18.77 -21.56
N PRO A 84 -3.88 -18.86 -22.54
CA PRO A 84 -4.40 -20.16 -22.96
C PRO A 84 -3.32 -21.18 -23.42
N MET A 85 -2.20 -20.63 -23.92
CA MET A 85 -1.09 -21.44 -24.46
C MET A 85 0.21 -21.41 -23.58
N GLY A 86 0.17 -20.60 -22.52
CA GLY A 86 1.23 -20.36 -21.52
C GLY A 86 2.63 -20.96 -21.79
N GLY A 87 2.71 -22.18 -22.35
CA GLY A 87 4.01 -22.81 -22.60
C GLY A 87 4.89 -22.13 -23.68
N ASN A 88 4.36 -21.09 -24.31
CA ASN A 88 4.96 -20.34 -25.40
C ASN A 88 4.87 -18.87 -25.09
N ALA A 89 4.00 -18.51 -24.17
CA ALA A 89 3.89 -17.13 -23.79
C ALA A 89 5.16 -16.77 -23.05
N ASP A 90 5.75 -17.79 -22.43
CA ASP A 90 7.11 -17.74 -21.90
C ASP A 90 8.06 -17.41 -23.02
N SER A 91 7.89 -18.13 -24.11
CA SER A 91 8.61 -17.87 -25.31
C SER A 91 8.27 -16.51 -25.88
N TYR A 92 7.18 -15.86 -25.52
CA TYR A 92 6.92 -14.73 -26.40
C TYR A 92 7.29 -13.39 -25.91
N VAL A 93 6.28 -12.55 -26.04
CA VAL A 93 6.29 -11.13 -25.77
C VAL A 93 7.62 -10.41 -26.14
N PRO A 94 7.68 -9.93 -27.41
CA PRO A 94 8.68 -9.12 -28.13
C PRO A 94 8.75 -7.68 -27.65
N TYR A 95 7.57 -7.15 -27.39
CA TYR A 95 7.39 -5.81 -26.87
C TYR A 95 6.64 -5.93 -25.57
N PRO A 96 7.33 -6.35 -24.50
CA PRO A 96 6.67 -6.49 -23.20
C PRO A 96 6.00 -5.21 -22.77
N VAL A 97 4.75 -5.31 -22.36
CA VAL A 97 4.08 -4.16 -21.79
C VAL A 97 4.64 -4.01 -20.39
N GLU A 98 5.63 -3.13 -20.26
CA GLU A 98 6.25 -2.87 -18.97
C GLU A 98 5.58 -1.70 -18.27
N VAL A 99 5.47 -1.78 -16.96
CA VAL A 99 5.04 -0.65 -16.16
C VAL A 99 6.02 -0.43 -15.02
N GLU A 100 6.09 0.80 -14.57
CA GLU A 100 6.86 1.16 -13.39
C GLU A 100 5.93 1.19 -12.19
N VAL A 101 6.24 0.35 -11.21
CA VAL A 101 5.46 0.31 -9.98
C VAL A 101 6.14 1.21 -8.96
N GLY A 102 5.38 2.17 -8.41
CA GLY A 102 5.94 3.08 -7.43
C GLY A 102 6.06 2.52 -6.02
N GLY A 103 6.77 3.24 -5.16
CA GLY A 103 6.98 2.82 -3.78
C GLY A 103 5.70 2.68 -2.98
N ALA A 104 4.80 3.65 -3.10
CA ALA A 104 3.54 3.60 -2.35
C ALA A 104 2.50 4.51 -2.96
N THR A 105 1.27 4.04 -3.02
CA THR A 105 0.12 4.89 -3.31
C THR A 105 -0.66 5.02 -2.02
N VAL A 106 -0.86 6.25 -1.56
CA VAL A 106 -1.36 6.47 -0.20
C VAL A 106 -2.57 7.39 -0.15
N PHE A 107 -3.61 6.94 0.56
CA PHE A 107 -4.80 7.74 0.84
C PHE A 107 -4.84 8.03 2.33
N VAL A 108 -5.05 9.28 2.70
CA VAL A 108 -5.25 9.64 4.10
C VAL A 108 -6.71 10.05 4.24
N LEU A 109 -7.49 9.24 4.97
CA LEU A 109 -8.94 9.41 5.06
C LEU A 109 -9.32 10.07 6.37
N PRO A 110 -10.33 10.98 6.34
CA PRO A 110 -10.89 11.49 7.58
C PRO A 110 -11.68 10.41 8.30
N VAL A 111 -11.78 10.56 9.62
CA VAL A 111 -12.44 9.57 10.46
C VAL A 111 -13.41 10.32 11.38
N ASP A 112 -14.69 9.95 11.38
CA ASP A 112 -15.66 10.62 12.24
C ASP A 112 -15.55 10.17 13.69
N GLU A 113 -15.38 8.87 13.91
CA GLU A 113 -15.30 8.32 15.27
C GLU A 113 -14.25 7.23 15.30
N PHE A 114 -13.50 7.15 16.40
CA PHE A 114 -12.53 6.09 16.63
C PHE A 114 -12.82 5.48 17.98
N HIS A 115 -12.98 4.16 18.01
CA HIS A 115 -13.29 3.45 19.24
C HIS A 115 -12.36 2.27 19.45
N GLN A 116 -11.89 2.10 20.68
CA GLN A 116 -11.19 0.88 21.07
C GLN A 116 -12.02 0.19 22.13
N PHE A 117 -12.68 -0.90 21.76
CA PHE A 117 -13.57 -1.63 22.64
C PHE A 117 -12.90 -2.87 23.21
P 2BA B . -4.94 -3.94 19.77
O1P 2BA B . -4.50 -2.56 19.92
O2P 2BA B . -6.20 -4.37 20.40
O5' 2BA B . -4.98 -4.24 18.19
C5' 2BA B . -5.54 -5.45 17.64
C4' 2BA B . -5.44 -5.39 16.10
O4' 2BA B . -6.21 -4.26 15.64
C3' 2BA B . -4.04 -5.07 15.65
O3' 2BA B . -3.29 -6.31 15.60
C2' 2BA B . -4.23 -4.44 14.28
O2' 2BA B . -4.57 -5.43 13.31
C1' 2BA B . -5.48 -3.62 14.56
N9 2BA B . -5.24 -2.22 15.02
C8 2BA B . -5.28 -1.72 16.26
N7 2BA B . -5.07 -0.40 16.18
C5 2BA B . -4.94 -0.07 14.89
C6 2BA B . -4.72 1.10 14.23
N6 2BA B . -4.60 2.25 14.92
N1 2BA B . -4.61 1.13 12.91
C2 2BA B . -4.74 -0.04 12.18
N3 2BA B . -4.96 -1.24 12.85
C4 2BA B . -5.07 -1.20 14.18
P1 2BA B . -1.72 -6.30 15.88
O1P1 2BA B . -1.06 -5.25 15.08
O2P1 2BA B . -1.24 -7.70 15.77
O5'1 2BA B . -1.63 -5.85 17.44
C5'1 2BA B . -1.98 -6.74 18.52
C4'1 2BA B . -1.70 -6.01 19.85
O4'1 2BA B . -0.30 -5.68 19.93
C3'1 2BA B . -2.41 -4.69 19.88
O3'1 2BA B . -3.78 -4.92 20.29
C2'1 2BA B . -1.62 -3.96 20.93
O2'1 2BA B . -1.90 -4.49 22.22
C1'1 2BA B . -0.18 -4.36 20.53
N91 2BA B . 0.48 -3.55 19.44
C81 2BA B . 0.16 -3.36 18.15
N71 2BA B . 1.10 -2.59 17.58
C51 2BA B . 2.01 -2.31 18.52
C61 2BA B . 3.15 -1.59 18.49
N61 2BA B . 3.50 -1.00 17.34
N11 2BA B . 3.92 -1.45 19.57
C21 2BA B . 3.55 -2.07 20.76
N31 2BA B . 2.37 -2.82 20.77
C41 2BA B . 1.63 -2.91 19.65
NI NI C . -15.96 17.12 5.89
#